data_8GIF
#
_entry.id   8GIF
#
_cell.length_a   40.360
_cell.length_b   62.920
_cell.length_c   60.010
_cell.angle_alpha   90.000
_cell.angle_beta   96.250
_cell.angle_gamma   90.000
#
_symmetry.space_group_name_H-M   'P 1 21 1'
#
loop_
_entity.id
_entity.type
_entity.pdbx_description
1 polymer 'Apical membrane antigen 1, rhoptry neck protein 2 chimera'
2 water water
#
_entity_poly.entity_id   1
_entity_poly.type   'polypeptide(L)'
_entity_poly.pdbx_seq_one_letter_code
;ETGNYMGNPWTEYMAKYDIEEVHGSGIRVDLGEDAEVAGTQYRLPSGKCPVFGKGIIIENSNTAFLTPVATGNQYLKDGG
FAFPPTEPLMSPMTLDEMRHFYKDNKYVKNLDELTLCSRHAGNMIPDNDKNSNYKYPAVYDDKDKKCHILYIAAQENNGP
RYCNGGGGSGGGGSDITQQAKDIGAGPVASCFTTRMSPPQQICLNSVVNTALSGGSGMFCFRPAKDISFQNYAYLSKNVV
DNWEKVCPRKNLQNAKFGLWVDGNCEDIPHVNEFPAIDLFECNKLVFELSASDQPGGSGYKSHGKGYNWGNYNTETQKCE
IFNVKPTCLINNAAYIATTALSHPIEVEGTKHHHHHH
;
_entity_poly.pdbx_strand_id   A
#
# COMPACT_ATOMS: atom_id res chain seq x y z
N GLY A 7 -15.63 0.27 29.46
CA GLY A 7 -15.68 1.62 30.02
C GLY A 7 -14.77 2.60 29.29
N ASN A 8 -14.57 2.35 27.99
CA ASN A 8 -13.72 3.20 27.17
C ASN A 8 -14.59 3.98 26.19
N PRO A 9 -14.64 5.32 26.27
CA PRO A 9 -15.43 6.08 25.30
C PRO A 9 -14.76 6.24 23.95
N TRP A 10 -13.49 5.86 23.83
CA TRP A 10 -12.71 6.03 22.61
C TRP A 10 -12.84 4.84 21.66
N THR A 11 -13.59 3.80 22.03
CA THR A 11 -13.55 2.55 21.28
C THR A 11 -13.86 2.78 19.80
N GLU A 12 -14.99 3.41 19.51
CA GLU A 12 -15.40 3.59 18.12
C GLU A 12 -14.44 4.52 17.37
N TYR A 13 -14.03 5.62 18.01
CA TYR A 13 -13.12 6.56 17.36
C TYR A 13 -11.78 5.90 17.04
N MET A 14 -11.26 5.09 17.95
CA MET A 14 -9.93 4.51 17.79
C MET A 14 -9.92 3.26 16.93
N ALA A 15 -11.08 2.80 16.45
CA ALA A 15 -11.12 1.56 15.67
C ALA A 15 -10.21 1.64 14.46
N LYS A 16 -10.16 2.80 13.80
CA LYS A 16 -9.40 2.90 12.55
C LYS A 16 -7.90 2.83 12.77
N TYR A 17 -7.43 2.89 14.02
CA TYR A 17 -6.02 2.76 14.33
C TYR A 17 -5.66 1.37 14.84
N ASP A 18 -6.61 0.43 14.80
CA ASP A 18 -6.35 -0.97 15.12
C ASP A 18 -5.88 -1.66 13.85
N ILE A 19 -4.58 -1.50 13.59
CA ILE A 19 -4.01 -1.92 12.29
C ILE A 19 -4.24 -3.40 12.06
N GLU A 20 -4.03 -4.23 13.08
CA GLU A 20 -4.25 -5.67 12.90
C GLU A 20 -5.63 -5.97 12.38
N GLU A 21 -6.64 -5.23 12.86
CA GLU A 21 -8.03 -5.50 12.48
C GLU A 21 -8.38 -4.86 11.14
N VAL A 22 -8.13 -3.56 11.01
CA VAL A 22 -8.65 -2.84 9.85
C VAL A 22 -7.75 -3.03 8.62
N HIS A 23 -6.45 -3.22 8.82
CA HIS A 23 -5.53 -3.47 7.71
C HIS A 23 -5.24 -4.96 7.55
N GLY A 24 -4.74 -5.61 8.61
CA GLY A 24 -4.60 -7.04 8.63
C GLY A 24 -3.43 -7.62 7.87
N SER A 25 -2.46 -6.80 7.48
CA SER A 25 -1.31 -7.29 6.73
C SER A 25 -0.15 -6.32 6.93
N GLY A 26 0.99 -6.65 6.33
CA GLY A 26 2.15 -5.79 6.41
C GLY A 26 1.91 -4.44 5.75
N ILE A 27 2.75 -3.47 6.13
CA ILE A 27 2.63 -2.12 5.63
C ILE A 27 3.87 -1.77 4.82
N ARG A 28 5.04 -1.83 5.46
CA ARG A 28 6.29 -1.63 4.74
C ARG A 28 6.39 -2.60 3.58
N VAL A 29 6.18 -3.89 3.85
CA VAL A 29 6.08 -4.92 2.82
C VAL A 29 4.80 -5.69 3.07
N ASP A 30 3.88 -5.66 2.11
CA ASP A 30 2.59 -6.32 2.21
C ASP A 30 2.62 -7.56 1.31
N LEU A 31 2.69 -8.73 1.92
CA LEU A 31 2.61 -10.01 1.22
C LEU A 31 1.78 -10.97 2.06
N GLY A 32 0.61 -10.51 2.50
CA GLY A 32 -0.16 -11.18 3.52
C GLY A 32 -1.00 -12.34 3.06
N GLU A 33 -1.07 -12.60 1.76
CA GLU A 33 -1.85 -13.71 1.23
C GLU A 33 -1.02 -14.49 0.21
N ASP A 34 -1.47 -15.72 -0.04
CA ASP A 34 -0.95 -16.56 -1.10
C ASP A 34 -2.04 -16.82 -2.12
N ALA A 35 -1.65 -16.98 -3.38
CA ALA A 35 -2.59 -17.27 -4.44
C ALA A 35 -1.92 -18.19 -5.45
N GLU A 36 -2.68 -19.18 -5.91
CA GLU A 36 -2.17 -20.15 -6.87
C GLU A 36 -2.46 -19.68 -8.29
N VAL A 37 -1.46 -19.81 -9.17
CA VAL A 37 -1.60 -19.55 -10.59
C VAL A 37 -1.02 -20.78 -11.30
N ALA A 38 -1.90 -21.67 -11.77
CA ALA A 38 -1.49 -22.86 -12.51
C ALA A 38 -0.63 -23.77 -11.63
N GLY A 39 -1.10 -24.04 -10.41
CA GLY A 39 -0.44 -24.96 -9.51
C GLY A 39 0.67 -24.37 -8.67
N THR A 40 1.13 -23.17 -8.99
CA THR A 40 2.24 -22.54 -8.27
C THR A 40 1.71 -21.47 -7.34
N GLN A 41 2.19 -21.48 -6.09
CA GLN A 41 1.77 -20.51 -5.09
C GLN A 41 2.64 -19.27 -5.18
N TYR A 42 2.00 -18.10 -5.11
CA TYR A 42 2.69 -16.82 -5.12
C TYR A 42 2.21 -15.98 -3.95
N ARG A 43 3.08 -15.10 -3.48
CA ARG A 43 2.72 -14.12 -2.48
C ARG A 43 2.27 -12.84 -3.15
N LEU A 44 1.32 -12.14 -2.53
CA LEU A 44 0.80 -10.90 -3.09
C LEU A 44 0.25 -10.05 -1.97
N PRO A 45 0.17 -8.73 -2.17
CA PRO A 45 -0.36 -7.85 -1.12
C PRO A 45 -1.81 -8.15 -0.82
N SER A 46 -2.19 -7.93 0.45
CA SER A 46 -3.54 -8.24 0.89
C SER A 46 -4.06 -7.25 1.93
N GLY A 47 -3.39 -6.13 2.16
CA GLY A 47 -3.85 -5.19 3.15
C GLY A 47 -5.16 -4.52 2.74
N LYS A 48 -6.02 -4.27 3.73
CA LYS A 48 -7.32 -3.71 3.45
C LYS A 48 -7.33 -2.19 3.40
N CYS A 49 -6.24 -1.53 3.81
CA CYS A 49 -6.18 -0.08 3.80
C CYS A 49 -5.16 0.43 2.79
N PRO A 50 -5.40 1.59 2.17
CA PRO A 50 -4.36 2.21 1.36
C PRO A 50 -3.18 2.63 2.22
N VAL A 51 -1.98 2.55 1.65
CA VAL A 51 -0.78 3.04 2.29
C VAL A 51 -0.42 4.35 1.61
N PHE A 52 -0.67 5.46 2.28
CA PHE A 52 -0.48 6.78 1.69
C PHE A 52 0.98 7.17 1.74
N GLY A 53 1.50 7.60 0.58
CA GLY A 53 2.86 8.05 0.47
C GLY A 53 3.88 6.96 0.21
N LYS A 54 3.44 5.71 0.04
CA LYS A 54 4.36 4.59 -0.14
C LYS A 54 4.74 4.45 -1.61
N GLY A 55 6.04 4.28 -1.86
CA GLY A 55 6.53 3.92 -3.16
C GLY A 55 7.73 3.01 -3.04
N ILE A 56 8.34 2.68 -4.18
CA ILE A 56 9.51 1.81 -4.24
C ILE A 56 10.67 2.62 -4.80
N ILE A 57 11.81 2.57 -4.12
CA ILE A 57 13.03 3.21 -4.60
C ILE A 57 13.92 2.13 -5.20
N ILE A 58 14.29 2.31 -6.46
CA ILE A 58 15.19 1.41 -7.16
C ILE A 58 16.61 1.93 -6.97
N GLU A 59 17.49 1.10 -6.42
CA GLU A 59 18.85 1.52 -6.13
C GLU A 59 19.68 1.56 -7.40
N ASN A 60 20.66 2.47 -7.41
CA ASN A 60 21.55 2.66 -8.55
C ASN A 60 20.78 2.99 -9.82
N SER A 61 19.70 3.76 -9.68
CA SER A 61 18.84 4.05 -10.80
C SER A 61 18.09 5.36 -10.54
N ASN A 62 17.83 6.10 -11.62
CA ASN A 62 16.93 7.24 -11.60
C ASN A 62 15.54 6.89 -12.10
N THR A 63 15.28 5.62 -12.38
CA THR A 63 14.02 5.20 -12.99
C THR A 63 12.93 5.19 -11.93
N ALA A 64 11.87 5.96 -12.17
CA ALA A 64 10.72 5.94 -11.27
C ALA A 64 10.08 4.55 -11.30
N PHE A 65 9.68 4.06 -10.13
CA PHE A 65 9.17 2.70 -10.05
C PHE A 65 7.83 2.54 -10.75
N LEU A 66 7.12 3.63 -11.04
CA LEU A 66 5.90 3.55 -11.82
C LEU A 66 6.18 3.42 -13.31
N THR A 67 7.44 3.46 -13.73
CA THR A 67 7.77 3.14 -15.11
C THR A 67 7.35 1.70 -15.40
N PRO A 68 6.80 1.42 -16.59
CA PRO A 68 6.45 0.03 -16.90
C PRO A 68 7.67 -0.88 -16.85
N VAL A 69 7.43 -2.14 -16.48
CA VAL A 69 8.53 -3.10 -16.43
C VAL A 69 9.21 -3.16 -17.80
N ALA A 70 10.51 -3.42 -17.77
CA ALA A 70 11.28 -3.48 -19.01
C ALA A 70 10.84 -4.69 -19.84
N THR A 71 10.74 -4.48 -21.15
CA THR A 71 10.35 -5.52 -22.08
C THR A 71 11.31 -5.53 -23.26
N GLY A 72 11.39 -6.67 -23.93
CA GLY A 72 12.28 -6.81 -25.06
C GLY A 72 13.67 -7.24 -24.65
N ASN A 73 14.59 -7.09 -25.60
CA ASN A 73 15.99 -7.48 -25.41
C ASN A 73 16.95 -6.37 -25.79
N GLN A 74 16.46 -5.12 -25.82
CA GLN A 74 17.29 -4.02 -26.30
C GLN A 74 18.38 -3.69 -25.29
N TYR A 75 19.54 -3.28 -25.83
CA TYR A 75 20.63 -2.82 -24.98
C TYR A 75 20.16 -1.65 -24.12
N LEU A 76 20.56 -1.67 -22.84
CA LEU A 76 20.17 -0.68 -21.85
C LEU A 76 18.71 -0.82 -21.43
N LYS A 77 18.10 -1.96 -21.73
CA LYS A 77 16.75 -2.27 -21.28
C LYS A 77 16.57 -1.93 -19.81
N ASP A 78 15.57 -1.09 -19.52
CA ASP A 78 15.36 -0.59 -18.17
C ASP A 78 13.88 -0.29 -17.98
N GLY A 79 13.41 -0.45 -16.76
CA GLY A 79 12.01 -0.21 -16.48
C GLY A 79 11.75 -0.15 -14.99
N GLY A 80 10.46 -0.14 -14.65
CA GLY A 80 10.04 -0.10 -13.27
C GLY A 80 9.19 -1.29 -12.88
N PHE A 81 8.07 -1.02 -12.21
CA PHE A 81 7.21 -2.07 -11.67
C PHE A 81 5.85 -2.17 -12.35
N ALA A 82 5.46 -1.19 -13.15
CA ALA A 82 4.10 -1.10 -13.64
C ALA A 82 3.90 -1.99 -14.87
N PHE A 83 2.64 -2.26 -15.17
CA PHE A 83 2.31 -3.09 -16.33
C PHE A 83 2.85 -2.44 -17.60
N PRO A 84 3.40 -3.22 -18.53
CA PRO A 84 3.82 -2.66 -19.81
C PRO A 84 2.64 -2.46 -20.74
N PRO A 85 2.84 -1.87 -21.90
CA PRO A 85 1.71 -1.60 -22.81
C PRO A 85 0.98 -2.87 -23.18
N THR A 86 -0.35 -2.74 -23.31
CA THR A 86 -1.21 -3.84 -23.71
C THR A 86 -2.20 -3.32 -24.74
N GLU A 87 -2.93 -4.25 -25.37
CA GLU A 87 -3.91 -3.93 -26.39
C GLU A 87 -5.23 -4.60 -26.03
N PRO A 88 -6.24 -3.85 -25.57
CA PRO A 88 -6.27 -2.40 -25.32
C PRO A 88 -5.43 -2.01 -24.10
N LEU A 89 -5.11 -0.74 -23.95
CA LEU A 89 -4.21 -0.31 -22.88
C LEU A 89 -4.94 -0.35 -21.53
N MET A 90 -4.42 -1.17 -20.61
CA MET A 90 -5.00 -1.29 -19.29
C MET A 90 -4.31 -0.43 -18.24
N SER A 91 -3.03 -0.10 -18.44
CA SER A 91 -2.28 0.67 -17.47
C SER A 91 -1.21 1.49 -18.18
N PRO A 92 -1.00 2.75 -17.78
CA PRO A 92 -1.74 3.48 -16.73
C PRO A 92 -3.12 3.88 -17.26
N MET A 93 -4.07 4.18 -16.39
CA MET A 93 -5.39 4.61 -16.81
C MET A 93 -5.84 5.74 -15.90
N THR A 94 -6.18 6.88 -16.50
CA THR A 94 -6.69 8.00 -15.73
C THR A 94 -8.01 7.63 -15.06
N LEU A 95 -8.41 8.46 -14.09
CA LEU A 95 -9.67 8.23 -13.39
C LEU A 95 -10.85 8.27 -14.36
N ASP A 96 -10.87 9.26 -15.26
CA ASP A 96 -11.98 9.36 -16.20
C ASP A 96 -11.99 8.18 -17.18
N GLU A 97 -10.81 7.72 -17.59
CA GLU A 97 -10.74 6.56 -18.48
C GLU A 97 -11.31 5.33 -17.79
N MET A 98 -11.00 5.16 -16.50
CA MET A 98 -11.56 4.03 -15.75
C MET A 98 -13.07 4.12 -15.65
N ARG A 99 -13.59 5.31 -15.36
CA ARG A 99 -15.04 5.47 -15.24
C ARG A 99 -15.74 5.20 -16.56
N HIS A 100 -15.12 5.60 -17.67
CA HIS A 100 -15.70 5.33 -18.98
C HIS A 100 -15.51 3.87 -19.38
N PHE A 101 -14.37 3.29 -19.01
CA PHE A 101 -14.10 1.89 -19.32
C PHE A 101 -15.11 0.97 -18.64
N TYR A 102 -15.52 1.31 -17.42
CA TYR A 102 -16.48 0.52 -16.66
C TYR A 102 -17.87 1.15 -16.62
N LYS A 103 -18.22 1.92 -17.64
CA LYS A 103 -19.52 2.59 -17.65
C LYS A 103 -20.67 1.58 -17.70
N ASP A 104 -20.46 0.44 -18.35
CA ASP A 104 -21.49 -0.59 -18.45
C ASP A 104 -21.53 -1.52 -17.26
N ASN A 105 -20.64 -1.33 -16.28
CA ASN A 105 -20.66 -2.10 -15.03
C ASN A 105 -21.31 -1.22 -13.97
N LYS A 106 -22.56 -1.54 -13.60
CA LYS A 106 -23.30 -0.72 -12.68
C LYS A 106 -22.80 -0.82 -11.24
N TYR A 107 -21.89 -1.75 -10.95
CA TYR A 107 -21.37 -1.89 -9.59
C TYR A 107 -20.26 -0.89 -9.29
N VAL A 108 -19.63 -0.31 -10.32
CA VAL A 108 -18.55 0.64 -10.08
C VAL A 108 -19.05 2.03 -9.74
N LYS A 109 -20.34 2.30 -9.91
CA LYS A 109 -20.88 3.61 -9.55
C LYS A 109 -20.64 3.91 -8.08
N ASN A 110 -20.40 5.18 -7.78
CA ASN A 110 -20.20 5.69 -6.43
C ASN A 110 -18.93 5.17 -5.78
N LEU A 111 -18.10 4.41 -6.50
CA LEU A 111 -16.81 4.00 -5.98
C LEU A 111 -15.84 5.17 -6.03
N ASP A 112 -15.08 5.35 -4.94
CA ASP A 112 -14.12 6.44 -4.91
C ASP A 112 -12.89 6.09 -5.75
N GLU A 113 -12.02 7.08 -5.92
CA GLU A 113 -10.88 6.94 -6.83
C GLU A 113 -10.03 5.72 -6.48
N LEU A 114 -9.67 5.58 -5.20
CA LEU A 114 -8.74 4.53 -4.80
C LEU A 114 -9.35 3.15 -5.00
N THR A 115 -10.60 2.96 -4.57
CA THR A 115 -11.24 1.65 -4.71
C THR A 115 -11.33 1.26 -6.18
N LEU A 116 -11.79 2.20 -7.02
CA LEU A 116 -11.89 1.92 -8.45
C LEU A 116 -10.54 1.48 -9.01
N CYS A 117 -9.46 2.14 -8.60
CA CYS A 117 -8.13 1.76 -9.07
C CYS A 117 -7.76 0.35 -8.61
N SER A 118 -8.05 0.02 -7.36
CA SER A 118 -7.77 -1.32 -6.87
C SER A 118 -8.59 -2.37 -7.63
N ARG A 119 -9.86 -2.06 -7.91
CA ARG A 119 -10.69 -3.00 -8.65
C ARG A 119 -10.26 -3.11 -10.11
N HIS A 120 -9.82 -2.00 -10.70
CA HIS A 120 -9.30 -2.06 -12.06
C HIS A 120 -8.09 -2.98 -12.14
N ALA A 121 -7.16 -2.84 -11.19
CA ALA A 121 -6.00 -3.72 -11.19
C ALA A 121 -6.38 -5.17 -10.98
N GLY A 122 -7.42 -5.43 -10.18
CA GLY A 122 -7.89 -6.78 -9.94
C GLY A 122 -8.65 -7.41 -11.08
N ASN A 123 -8.85 -6.69 -12.18
CA ASN A 123 -9.63 -7.21 -13.29
C ASN A 123 -8.82 -8.18 -14.15
N MET A 124 -7.49 -8.09 -14.13
CA MET A 124 -6.63 -8.90 -14.98
C MET A 124 -6.29 -10.21 -14.28
N ILE A 125 -6.68 -11.32 -14.90
CA ILE A 125 -6.36 -12.65 -14.39
C ILE A 125 -5.12 -13.15 -15.11
N PRO A 126 -4.05 -13.55 -14.41
CA PRO A 126 -2.99 -14.32 -15.07
C PRO A 126 -3.61 -15.47 -15.86
N ASP A 127 -3.46 -15.44 -17.18
CA ASP A 127 -4.33 -16.23 -18.05
C ASP A 127 -4.24 -17.73 -17.78
N ASN A 128 -3.14 -18.21 -17.22
CA ASN A 128 -2.95 -19.65 -17.07
C ASN A 128 -3.93 -20.29 -16.08
N ASP A 129 -4.68 -19.50 -15.32
CA ASP A 129 -5.61 -20.06 -14.34
C ASP A 129 -6.79 -19.09 -14.17
N LYS A 130 -7.91 -19.41 -14.82
CA LYS A 130 -9.09 -18.57 -14.72
C LYS A 130 -9.72 -18.59 -13.34
N ASN A 131 -9.51 -19.67 -12.57
CA ASN A 131 -10.04 -19.79 -11.22
C ASN A 131 -9.10 -19.18 -10.18
N SER A 132 -8.03 -18.51 -10.61
CA SER A 132 -7.06 -17.97 -9.66
C SER A 132 -7.60 -16.75 -8.93
N ASN A 133 -7.21 -16.62 -7.68
CA ASN A 133 -7.52 -15.43 -6.89
C ASN A 133 -6.41 -14.40 -6.95
N TYR A 134 -5.41 -14.59 -7.81
CA TYR A 134 -4.30 -13.67 -7.91
C TYR A 134 -4.76 -12.36 -8.53
N LYS A 135 -4.57 -11.26 -7.80
CA LYS A 135 -4.91 -9.93 -8.30
C LYS A 135 -3.72 -9.01 -8.07
N TYR A 136 -3.33 -8.28 -9.10
CA TYR A 136 -2.15 -7.43 -9.01
C TYR A 136 -2.44 -6.21 -8.15
N PRO A 137 -1.46 -5.71 -7.42
CA PRO A 137 -1.65 -4.47 -6.66
C PRO A 137 -1.56 -3.26 -7.60
N ALA A 138 -1.78 -2.07 -7.05
CA ALA A 138 -1.82 -0.88 -7.86
C ALA A 138 -1.31 0.31 -7.06
N VAL A 139 -0.95 1.37 -7.79
CA VAL A 139 -0.62 2.66 -7.19
C VAL A 139 -1.48 3.72 -7.87
N TYR A 140 -2.20 4.50 -7.07
CA TYR A 140 -2.99 5.61 -7.56
C TYR A 140 -2.23 6.91 -7.30
N ASP A 141 -2.06 7.72 -8.34
CA ASP A 141 -1.41 9.02 -8.23
C ASP A 141 -2.50 10.08 -8.17
N ASP A 142 -2.72 10.62 -6.98
CA ASP A 142 -3.78 11.62 -6.79
C ASP A 142 -3.47 12.94 -7.46
N LYS A 143 -2.22 13.16 -7.91
CA LYS A 143 -1.88 14.40 -8.59
C LYS A 143 -2.35 14.38 -10.04
N ASP A 144 -1.90 13.39 -10.81
CA ASP A 144 -2.33 13.21 -12.18
C ASP A 144 -3.63 12.43 -12.30
N LYS A 145 -4.18 11.94 -11.18
CA LYS A 145 -5.41 11.15 -11.19
C LYS A 145 -5.26 9.93 -12.10
N LYS A 146 -4.16 9.20 -11.91
CA LYS A 146 -3.82 8.06 -12.74
C LYS A 146 -3.67 6.80 -11.90
N CYS A 147 -4.18 5.69 -12.42
CA CYS A 147 -4.08 4.39 -11.78
C CYS A 147 -3.02 3.57 -12.51
N HIS A 148 -2.03 3.09 -11.76
CA HIS A 148 -0.93 2.30 -12.30
C HIS A 148 -1.04 0.89 -11.76
N ILE A 149 -1.33 -0.07 -12.63
CA ILE A 149 -1.31 -1.48 -12.24
C ILE A 149 0.14 -1.92 -12.13
N LEU A 150 0.49 -2.52 -10.99
CA LEU A 150 1.85 -3.00 -10.77
C LEU A 150 1.97 -4.42 -11.30
N TYR A 151 2.91 -4.62 -12.22
CA TYR A 151 3.20 -5.96 -12.71
C TYR A 151 4.06 -6.74 -11.74
N ILE A 152 4.90 -6.05 -10.98
CA ILE A 152 5.75 -6.66 -9.96
C ILE A 152 5.13 -6.39 -8.60
N ALA A 153 4.71 -7.44 -7.91
CA ALA A 153 4.15 -7.32 -6.57
C ALA A 153 5.21 -7.29 -5.48
N ALA A 154 6.43 -7.68 -5.79
CA ALA A 154 7.52 -7.57 -4.83
C ALA A 154 7.73 -6.11 -4.44
N GLN A 155 8.15 -5.89 -3.19
CA GLN A 155 8.34 -4.55 -2.67
C GLN A 155 9.71 -4.28 -2.09
N GLU A 156 10.50 -5.31 -1.78
CA GLU A 156 11.86 -5.11 -1.29
C GLU A 156 12.74 -6.24 -1.81
N ASN A 157 13.96 -5.87 -2.23
CA ASN A 157 14.96 -6.86 -2.63
C ASN A 157 16.33 -6.21 -2.43
N ASN A 158 16.97 -6.51 -1.30
CA ASN A 158 18.30 -5.97 -1.01
C ASN A 158 19.31 -7.09 -0.83
N GLY A 159 19.38 -8.01 -1.78
CA GLY A 159 20.34 -9.10 -1.73
C GLY A 159 20.26 -9.91 -0.44
N THR A 177 12.91 -18.79 -8.96
CA THR A 177 13.48 -19.30 -7.72
C THR A 177 12.53 -19.07 -6.55
N GLN A 178 12.55 -19.98 -5.58
CA GLN A 178 11.63 -19.85 -4.44
C GLN A 178 11.94 -18.62 -3.61
N GLN A 179 13.23 -18.32 -3.41
CA GLN A 179 13.58 -17.12 -2.65
C GLN A 179 13.06 -15.86 -3.33
N ALA A 180 12.99 -15.86 -4.65
CA ALA A 180 12.34 -14.76 -5.36
C ALA A 180 10.84 -14.75 -5.08
N LYS A 181 10.21 -15.94 -5.11
CA LYS A 181 8.80 -16.02 -4.74
C LYS A 181 8.56 -15.50 -3.32
N ASP A 182 9.50 -15.79 -2.42
CA ASP A 182 9.32 -15.41 -1.02
C ASP A 182 9.32 -13.90 -0.81
N ILE A 183 9.77 -13.12 -1.80
CA ILE A 183 9.74 -11.67 -1.71
C ILE A 183 8.64 -11.06 -2.56
N GLY A 184 7.83 -11.86 -3.24
CA GLY A 184 6.69 -11.38 -3.99
C GLY A 184 6.80 -11.52 -5.49
N ALA A 185 7.88 -12.12 -6.01
CA ALA A 185 7.99 -12.35 -7.44
C ALA A 185 6.73 -12.99 -7.98
N GLY A 186 6.06 -12.31 -8.90
CA GLY A 186 4.79 -12.77 -9.41
C GLY A 186 4.94 -13.79 -10.50
N PRO A 187 3.81 -14.26 -11.00
CA PRO A 187 3.84 -15.23 -12.10
C PRO A 187 4.37 -14.58 -13.36
N VAL A 188 5.16 -15.34 -14.11
CA VAL A 188 5.59 -14.91 -15.43
C VAL A 188 4.39 -15.04 -16.36
N ALA A 189 3.72 -13.92 -16.64
CA ALA A 189 2.47 -13.92 -17.38
C ALA A 189 2.56 -12.91 -18.52
N SER A 190 2.24 -13.37 -19.73
CA SER A 190 2.19 -12.51 -20.90
C SER A 190 0.78 -12.22 -21.39
N CYS A 191 -0.21 -13.03 -20.98
CA CYS A 191 -1.59 -12.85 -21.39
C CYS A 191 -2.49 -12.87 -20.16
N PHE A 192 -3.56 -12.10 -20.24
CA PHE A 192 -4.47 -11.92 -19.11
C PHE A 192 -5.91 -11.93 -19.61
N THR A 193 -6.79 -12.48 -18.80
CA THR A 193 -8.22 -12.47 -19.06
C THR A 193 -8.91 -11.56 -18.04
N THR A 194 -9.86 -10.77 -18.52
CA THR A 194 -10.59 -9.87 -17.64
C THR A 194 -11.61 -10.65 -16.82
N ARG A 195 -11.72 -10.30 -15.54
CA ARG A 195 -12.78 -10.86 -14.72
C ARG A 195 -14.14 -10.34 -15.15
N MET A 196 -14.20 -9.12 -15.67
CA MET A 196 -15.46 -8.54 -16.11
C MET A 196 -15.98 -9.24 -17.36
N SER A 197 -17.34 -9.36 -17.45
CA SER A 197 -17.98 -9.95 -18.61
C SER A 197 -18.47 -8.86 -19.56
N PRO A 198 -18.47 -9.11 -20.88
CA PRO A 198 -17.97 -10.30 -21.58
C PRO A 198 -16.46 -10.43 -21.47
N PRO A 199 -15.92 -11.63 -21.29
CA PRO A 199 -14.48 -11.77 -21.07
C PRO A 199 -13.67 -11.40 -22.30
N GLN A 200 -12.52 -10.76 -22.07
CA GLN A 200 -11.60 -10.40 -23.12
C GLN A 200 -10.19 -10.77 -22.67
N GLN A 201 -9.39 -11.29 -23.59
CA GLN A 201 -8.01 -11.65 -23.31
C GLN A 201 -7.09 -10.53 -23.76
N ILE A 202 -6.20 -10.11 -22.89
CA ILE A 202 -5.28 -9.00 -23.14
C ILE A 202 -3.86 -9.50 -22.89
N CYS A 203 -3.00 -9.36 -23.89
CA CYS A 203 -1.63 -9.82 -23.81
C CYS A 203 -0.68 -8.64 -23.91
N LEU A 204 0.50 -8.79 -23.35
CA LEU A 204 1.54 -7.79 -23.48
C LEU A 204 1.99 -7.71 -24.94
N ASN A 205 2.26 -6.48 -25.40
CA ASN A 205 2.76 -6.30 -26.76
C ASN A 205 4.15 -6.88 -26.95
N SER A 206 4.85 -7.22 -25.86
CA SER A 206 6.19 -7.78 -25.94
C SER A 206 6.44 -8.65 -24.72
N VAL A 207 7.56 -9.36 -24.74
CA VAL A 207 7.93 -10.29 -23.68
C VAL A 207 8.65 -9.55 -22.56
N VAL A 208 8.38 -9.95 -21.33
CA VAL A 208 8.96 -9.31 -20.15
C VAL A 208 10.26 -10.02 -19.79
N ASN A 209 11.28 -9.23 -19.46
CA ASN A 209 12.55 -9.77 -19.00
C ASN A 209 13.34 -8.70 -18.25
N PHE A 219 17.48 -6.38 -10.29
CA PHE A 219 17.62 -5.05 -9.71
C PHE A 219 17.20 -5.06 -8.25
N CYS A 220 17.86 -4.24 -7.44
CA CYS A 220 17.59 -4.15 -6.01
C CYS A 220 16.78 -2.89 -5.70
N PHE A 221 15.87 -3.01 -4.74
CA PHE A 221 14.91 -1.94 -4.47
C PHE A 221 14.40 -2.09 -3.04
N ARG A 222 13.79 -1.02 -2.55
CA ARG A 222 13.28 -0.98 -1.18
C ARG A 222 12.05 -0.09 -1.14
N PRO A 223 11.09 -0.38 -0.28
CA PRO A 223 9.96 0.54 -0.10
C PRO A 223 10.34 1.71 0.78
N ALA A 224 9.67 2.83 0.56
CA ALA A 224 9.97 4.03 1.32
C ALA A 224 8.82 5.02 1.14
N LYS A 225 8.79 6.00 2.03
CA LYS A 225 7.93 7.17 1.89
C LYS A 225 8.84 8.34 1.54
N ASP A 226 9.04 8.55 0.23
CA ASP A 226 9.83 9.67 -0.26
C ASP A 226 8.91 10.85 -0.54
N ILE A 227 9.47 12.05 -0.45
CA ILE A 227 8.67 13.25 -0.70
C ILE A 227 8.06 13.20 -2.10
N SER A 228 8.75 12.57 -3.05
CA SER A 228 8.20 12.43 -4.40
C SER A 228 7.05 11.44 -4.47
N PHE A 229 6.79 10.69 -3.39
CA PHE A 229 5.67 9.76 -3.34
C PHE A 229 4.47 10.33 -2.58
N GLN A 230 4.48 11.63 -2.25
CA GLN A 230 3.49 12.17 -1.35
C GLN A 230 2.06 12.00 -1.88
N ASN A 231 1.89 12.05 -3.19
CA ASN A 231 0.56 11.95 -3.81
C ASN A 231 0.19 10.51 -4.18
N TYR A 232 1.01 9.54 -3.82
CA TYR A 232 0.77 8.15 -4.18
C TYR A 232 0.04 7.42 -3.06
N ALA A 233 -0.76 6.43 -3.45
CA ALA A 233 -1.39 5.50 -2.52
C ALA A 233 -1.13 4.08 -3.04
N TYR A 234 -0.45 3.27 -2.22
CA TYR A 234 -0.20 1.88 -2.57
C TYR A 234 -1.39 1.04 -2.18
N LEU A 235 -1.95 0.30 -3.13
CA LEU A 235 -3.25 -0.35 -2.97
C LEU A 235 -3.11 -1.85 -3.24
N SER A 236 -3.45 -2.66 -2.25
CA SER A 236 -3.58 -4.09 -2.50
C SER A 236 -4.94 -4.39 -3.14
N LYS A 237 -5.09 -5.64 -3.58
CA LYS A 237 -6.37 -6.09 -4.13
C LYS A 237 -7.50 -6.02 -3.11
N ASN A 238 -7.18 -5.94 -1.82
CA ASN A 238 -8.18 -6.04 -0.77
C ASN A 238 -8.62 -4.70 -0.20
N VAL A 239 -8.22 -3.59 -0.82
CA VAL A 239 -8.61 -2.28 -0.31
C VAL A 239 -10.14 -2.20 -0.27
N VAL A 240 -10.68 -1.92 0.92
CA VAL A 240 -12.12 -2.02 1.16
C VAL A 240 -12.82 -0.79 0.61
N ASP A 241 -14.09 -0.98 0.21
CA ASP A 241 -14.87 0.10 -0.40
C ASP A 241 -14.98 1.30 0.52
N ASN A 242 -15.00 1.08 1.84
CA ASN A 242 -15.25 2.13 2.81
C ASN A 242 -13.98 2.55 3.54
N TRP A 243 -12.82 2.48 2.87
CA TRP A 243 -11.57 2.82 3.52
C TRP A 243 -11.59 4.23 4.08
N GLU A 244 -12.33 5.15 3.44
CA GLU A 244 -12.37 6.53 3.92
C GLU A 244 -12.85 6.61 5.36
N LYS A 245 -13.68 5.67 5.80
CA LYS A 245 -14.27 5.72 7.12
C LYS A 245 -13.57 4.83 8.13
N VAL A 246 -12.96 3.73 7.69
CA VAL A 246 -12.36 2.77 8.62
C VAL A 246 -10.83 2.82 8.63
N CYS A 247 -10.20 3.46 7.65
CA CYS A 247 -8.74 3.46 7.59
C CYS A 247 -8.17 4.82 7.95
N PRO A 248 -6.95 4.87 8.51
CA PRO A 248 -6.35 6.15 8.85
C PRO A 248 -5.70 6.80 7.64
N ARG A 249 -5.92 8.11 7.49
CA ARG A 249 -5.30 8.87 6.42
C ARG A 249 -4.62 10.10 7.02
N LYS A 250 -5.38 10.91 7.74
CA LYS A 250 -4.89 12.17 8.28
C LYS A 250 -4.24 11.94 9.64
N ASN A 251 -3.15 12.66 9.89
CA ASN A 251 -2.54 12.69 11.21
C ASN A 251 -3.34 13.59 12.13
N LEU A 252 -3.28 13.31 13.43
CA LEU A 252 -4.13 13.94 14.43
C LEU A 252 -3.34 15.05 15.13
N GLN A 253 -3.77 16.29 14.92
CA GLN A 253 -3.09 17.44 15.49
C GLN A 253 -3.41 17.57 16.97
N ASN A 254 -2.41 17.97 17.75
CA ASN A 254 -2.57 18.18 19.19
C ASN A 254 -3.08 16.93 19.88
N ALA A 255 -2.73 15.76 19.34
CA ALA A 255 -3.18 14.48 19.87
C ALA A 255 -1.97 13.58 20.08
N LYS A 256 -2.08 12.73 21.10
CA LYS A 256 -1.04 11.77 21.43
C LYS A 256 -1.70 10.43 21.71
N PHE A 257 -1.24 9.38 21.02
CA PHE A 257 -1.78 8.05 21.23
C PHE A 257 -1.52 7.61 22.68
N GLY A 258 -2.51 6.94 23.27
CA GLY A 258 -2.36 6.39 24.60
C GLY A 258 -3.13 5.10 24.74
N LEU A 259 -3.12 4.56 25.96
CA LEU A 259 -3.86 3.36 26.31
C LEU A 259 -4.87 3.72 27.40
N TRP A 260 -6.10 3.23 27.24
CA TRP A 260 -7.15 3.50 28.22
C TRP A 260 -7.00 2.52 29.38
N VAL A 261 -6.79 3.05 30.57
CA VAL A 261 -6.59 2.24 31.77
C VAL A 261 -7.31 2.93 32.93
N ASP A 262 -8.37 2.31 33.42
CA ASP A 262 -9.08 2.75 34.63
C ASP A 262 -9.47 4.23 34.53
N GLY A 263 -10.21 4.54 33.47
CA GLY A 263 -10.78 5.86 33.31
C GLY A 263 -9.82 6.94 32.87
N ASN A 264 -8.56 6.61 32.66
CA ASN A 264 -7.55 7.56 32.22
C ASN A 264 -6.86 7.06 30.96
N CYS A 265 -6.40 8.00 30.14
CA CYS A 265 -5.62 7.69 28.94
C CYS A 265 -4.15 7.78 29.32
N GLU A 266 -3.54 6.64 29.57
CA GLU A 266 -2.14 6.55 29.97
C GLU A 266 -1.23 6.55 28.75
N ASP A 267 0.02 6.98 28.96
CA ASP A 267 1.00 6.95 27.89
C ASP A 267 1.26 5.51 27.44
N ILE A 268 1.70 5.38 26.19
CA ILE A 268 2.16 4.06 25.75
C ILE A 268 3.32 3.62 26.65
N PRO A 269 3.26 2.44 27.27
CA PRO A 269 4.29 2.09 28.24
C PRO A 269 5.71 2.09 27.69
N HIS A 270 5.91 1.55 26.48
CA HIS A 270 7.25 1.40 25.93
C HIS A 270 7.27 1.93 24.49
N VAL A 271 8.10 2.95 24.27
CA VAL A 271 8.28 3.55 22.95
C VAL A 271 9.77 3.63 22.66
N ASN A 272 10.09 3.75 21.37
CA ASN A 272 11.46 3.95 20.89
C ASN A 272 11.54 5.37 20.33
N GLU A 273 12.34 6.22 20.98
CA GLU A 273 12.49 7.60 20.54
C GLU A 273 13.53 7.70 19.43
N PHE A 274 13.20 8.48 18.41
CA PHE A 274 14.12 8.79 17.32
C PHE A 274 14.04 10.27 17.00
N PRO A 275 15.15 10.88 16.61
CA PRO A 275 15.08 12.28 16.14
C PRO A 275 14.32 12.36 14.83
N ALA A 276 13.50 13.41 14.71
CA ALA A 276 12.74 13.66 13.50
C ALA A 276 12.55 15.17 13.37
N ILE A 277 12.97 15.72 12.24
CA ILE A 277 12.98 17.17 12.09
C ILE A 277 11.57 17.71 11.90
N ASP A 278 10.67 16.92 11.34
CA ASP A 278 9.28 17.32 11.18
C ASP A 278 8.41 16.08 11.17
N LEU A 279 7.11 16.28 10.95
CA LEU A 279 6.18 15.15 10.95
C LEU A 279 6.51 14.17 9.84
N PHE A 280 6.86 14.67 8.66
CA PHE A 280 7.18 13.79 7.53
C PHE A 280 8.25 12.78 7.90
N GLU A 281 9.36 13.26 8.48
CA GLU A 281 10.43 12.35 8.85
C GLU A 281 9.96 11.32 9.87
N CYS A 282 9.09 11.71 10.80
CA CYS A 282 8.58 10.76 11.78
C CYS A 282 7.70 9.70 11.12
N ASN A 283 6.80 10.12 10.24
CA ASN A 283 5.97 9.15 9.51
C ASN A 283 6.85 8.22 8.68
N LYS A 284 7.91 8.76 8.08
CA LYS A 284 8.84 7.93 7.31
C LYS A 284 9.50 6.89 8.22
N LEU A 285 9.89 7.29 9.43
CA LEU A 285 10.52 6.36 10.36
C LEU A 285 9.54 5.30 10.83
N VAL A 286 8.31 5.70 11.13
CA VAL A 286 7.30 4.72 11.54
C VAL A 286 7.07 3.71 10.42
N PHE A 287 7.02 4.19 9.18
CA PHE A 287 6.81 3.30 8.05
C PHE A 287 7.96 2.29 7.91
N GLU A 288 9.19 2.76 8.08
CA GLU A 288 10.34 1.86 7.92
C GLU A 288 10.35 0.76 8.99
N LEU A 289 9.82 1.04 10.17
CA LEU A 289 9.78 0.06 11.25
C LEU A 289 8.45 -0.68 11.34
N SER A 290 7.49 -0.36 10.46
CA SER A 290 6.14 -0.89 10.60
C SER A 290 6.11 -2.38 10.24
N ALA A 291 4.92 -2.97 10.35
CA ALA A 291 4.73 -4.37 10.03
C ALA A 291 5.27 -4.68 8.64
N SER A 292 6.02 -5.78 8.53
CA SER A 292 6.64 -6.18 7.28
C SER A 292 6.47 -7.68 7.08
N ASP A 293 6.01 -8.06 5.89
CA ASP A 293 5.89 -9.47 5.51
C ASP A 293 7.13 -9.95 4.76
N GLN A 294 8.22 -9.20 4.80
CA GLN A 294 9.44 -9.61 4.12
C GLN A 294 10.11 -10.74 4.89
N PRO A 295 10.63 -11.77 4.19
CA PRO A 295 11.29 -12.89 4.87
C PRO A 295 12.39 -12.43 5.84
N TYR A 300 6.82 -14.98 8.45
CA TYR A 300 6.68 -14.60 7.04
C TYR A 300 5.54 -13.61 6.84
N LYS A 301 4.47 -13.77 7.63
CA LYS A 301 3.32 -12.88 7.57
C LYS A 301 3.19 -12.17 8.91
N SER A 302 3.19 -10.83 8.88
CA SER A 302 3.02 -10.06 10.10
C SER A 302 1.57 -9.97 10.53
N HIS A 303 0.62 -10.10 9.59
CA HIS A 303 -0.79 -9.93 9.87
C HIS A 303 -1.10 -8.55 10.47
N GLY A 304 -0.25 -7.57 10.18
CA GLY A 304 -0.45 -6.22 10.67
C GLY A 304 0.25 -5.89 11.98
N LYS A 305 0.93 -6.85 12.59
CA LYS A 305 1.65 -6.60 13.83
C LYS A 305 2.97 -5.92 13.54
N GLY A 306 3.25 -4.83 14.25
CA GLY A 306 4.53 -4.15 14.09
C GLY A 306 4.50 -2.77 14.72
N TYR A 307 5.61 -2.07 14.53
CA TYR A 307 5.78 -0.70 15.01
C TYR A 307 5.08 0.23 14.02
N ASN A 308 3.75 0.25 14.11
CA ASN A 308 2.90 0.91 13.14
C ASN A 308 2.49 2.32 13.54
N TRP A 309 2.79 2.75 14.77
CA TRP A 309 2.26 3.99 15.31
C TRP A 309 3.40 4.86 15.81
N GLY A 310 3.18 6.17 15.73
CA GLY A 310 4.13 7.11 16.26
C GLY A 310 3.47 8.34 16.87
N ASN A 311 3.99 8.78 18.01
CA ASN A 311 3.63 10.07 18.60
C ASN A 311 4.80 11.02 18.33
N TYR A 312 4.56 12.05 17.53
CA TYR A 312 5.60 13.01 17.17
C TYR A 312 5.47 14.25 18.03
N ASN A 313 6.52 14.55 18.81
CA ASN A 313 6.59 15.78 19.58
C ASN A 313 7.18 16.88 18.71
N THR A 314 6.38 17.91 18.41
CA THR A 314 6.83 18.99 17.54
C THR A 314 7.75 19.97 18.25
N GLU A 315 7.74 19.99 19.59
CA GLU A 315 8.62 20.90 20.32
C GLU A 315 10.02 20.30 20.47
N THR A 316 10.10 19.05 20.91
CA THR A 316 11.38 18.37 21.07
C THR A 316 11.85 17.66 19.80
N GLN A 317 11.03 17.66 18.75
CA GLN A 317 11.38 17.02 17.49
C GLN A 317 11.78 15.56 17.71
N LYS A 318 10.97 14.86 18.51
CA LYS A 318 11.17 13.44 18.77
C LYS A 318 10.01 12.64 18.20
N CYS A 319 10.34 11.48 17.64
CA CYS A 319 9.36 10.55 17.08
C CYS A 319 9.32 9.33 17.98
N GLU A 320 8.20 9.11 18.65
CA GLU A 320 8.03 8.07 19.66
C GLU A 320 7.24 6.94 19.03
N ILE A 321 7.94 5.87 18.64
CA ILE A 321 7.37 4.77 17.87
C ILE A 321 7.09 3.60 18.80
N PHE A 322 5.96 2.94 18.59
CA PHE A 322 5.58 1.81 19.44
C PHE A 322 4.81 0.80 18.61
N ASN A 323 4.63 -0.40 19.18
CA ASN A 323 4.07 -1.54 18.48
C ASN A 323 2.84 -2.11 19.19
N VAL A 324 2.19 -1.33 20.02
CA VAL A 324 0.96 -1.74 20.70
C VAL A 324 -0.17 -0.87 20.18
N LYS A 325 -1.33 -1.49 19.96
CA LYS A 325 -2.49 -0.78 19.44
C LYS A 325 -2.92 0.29 20.43
N PRO A 326 -3.06 1.55 20.01
CA PRO A 326 -3.57 2.58 20.91
C PRO A 326 -5.08 2.49 21.06
N THR A 327 -5.56 2.84 22.24
CA THR A 327 -6.98 2.73 22.57
C THR A 327 -7.58 4.05 23.04
N CYS A 328 -6.83 5.15 23.01
CA CYS A 328 -7.35 6.45 23.38
C CYS A 328 -6.37 7.52 22.92
N LEU A 329 -6.81 8.77 23.00
CA LEU A 329 -6.01 9.92 22.63
C LEU A 329 -5.79 10.79 23.86
N ILE A 330 -4.58 11.35 23.97
CA ILE A 330 -4.24 12.30 25.01
C ILE A 330 -4.21 13.69 24.39
N ASN A 331 -4.79 14.66 25.09
CA ASN A 331 -4.76 16.04 24.62
C ASN A 331 -3.42 16.66 25.02
N ASN A 332 -2.55 16.85 24.03
CA ASN A 332 -1.25 17.47 24.25
C ASN A 332 -0.94 18.35 23.05
N ALA A 333 -0.82 19.66 23.29
CA ALA A 333 -0.70 20.62 22.20
C ALA A 333 0.62 20.50 21.43
N ALA A 334 1.58 19.72 21.92
CA ALA A 334 2.87 19.60 21.27
C ALA A 334 3.01 18.35 20.42
N TYR A 335 1.96 17.54 20.31
CA TYR A 335 2.08 16.22 19.69
C TYR A 335 1.19 16.11 18.45
N ILE A 336 1.63 15.25 17.54
CA ILE A 336 0.87 14.83 16.37
C ILE A 336 0.91 13.31 16.33
N ALA A 337 -0.25 12.68 16.19
CA ALA A 337 -0.35 11.23 16.17
C ALA A 337 -0.37 10.74 14.72
N THR A 338 0.49 9.79 14.40
CA THR A 338 0.63 9.29 13.05
C THR A 338 0.70 7.77 13.06
N THR A 339 0.44 7.17 11.90
CA THR A 339 0.62 5.74 11.69
C THR A 339 1.35 5.51 10.37
N ALA A 340 1.89 4.30 10.22
CA ALA A 340 2.60 3.97 8.99
C ALA A 340 1.69 4.07 7.77
N LEU A 341 0.40 3.81 7.94
CA LEU A 341 -0.53 3.91 6.82
C LEU A 341 -0.84 5.36 6.47
N SER A 342 -0.72 6.26 7.43
CA SER A 342 -1.23 7.61 7.28
C SER A 342 -0.44 8.40 6.25
N HIS A 343 -1.10 9.37 5.64
CA HIS A 343 -0.41 10.32 4.79
C HIS A 343 0.70 10.99 5.61
N PRO A 344 1.90 11.16 5.03
CA PRO A 344 3.02 11.67 5.83
C PRO A 344 2.98 13.17 6.10
N ILE A 345 2.05 13.91 5.50
CA ILE A 345 2.00 15.37 5.61
C ILE A 345 0.66 15.86 6.15
N GLU A 346 -0.44 15.29 5.67
CA GLU A 346 -1.76 15.84 5.98
C GLU A 346 -2.10 15.66 7.46
N VAL A 347 -2.68 16.70 8.04
CA VAL A 347 -3.11 16.69 9.44
C VAL A 347 -4.58 17.11 9.51
N GLU A 348 -5.20 16.81 10.65
CA GLU A 348 -6.58 17.22 10.88
C GLU A 348 -6.75 17.50 12.38
N GLY A 349 -7.87 18.13 12.70
CA GLY A 349 -8.22 18.39 14.09
C GLY A 349 -8.95 17.22 14.72
#